data_3SNC
#
_entry.id   3SNC
#
_cell.length_a   107.830
_cell.length_b   82.460
_cell.length_c   53.320
_cell.angle_alpha   90.00
_cell.angle_beta   104.65
_cell.angle_gamma   90.00
#
_symmetry.space_group_name_H-M   'C 1 2 1'
#
loop_
_entity.id
_entity.type
_entity.pdbx_description
1 polymer '3C-like proteinase'
2 polymer 'Peptide aldehyde inhibitor Ac-NSTSQ-H'
3 non-polymer 'DIMETHYL SULFOXIDE'
4 water water
#
loop_
_entity_poly.entity_id
_entity_poly.type
_entity_poly.pdbx_seq_one_letter_code
_entity_poly.pdbx_strand_id
1 'polypeptide(L)'
;SGFRKMAFPSGKVEGCMVQVTCGTTTLNGLWLDDTVYCPRHVICTAEDMLNPNYEDLLIRKSNHSFLVQAGNVQLRVIGH
SMQNCLLRLKVDTSNPKTPKYKFVRIQPGQTFSVLACYNGSPSGVYQCAMRPNHTIKGSFLNGSCGSVGFNIDYDCVSFC
YMHHMELPTGVHAGTDLEGKFYGPFVDRQTAQAAGTDTTITLNVLAWLYAAVINGDRWFLNRFTTTLNDFNLVAMKYNYE
PLTQDHVDILGPLSAQTGIAVLDMCAALKELLQNGMNGRTILGSTILEDEFTPFDVVRQCSGVTFQ
;
A
2 'polypeptide(L)' (ACE)NSTS(ECC) H
#
loop_
_chem_comp.id
_chem_comp.type
_chem_comp.name
_chem_comp.formula
ACE non-polymer 'ACETYL GROUP' 'C2 H4 O'
DMS non-polymer 'DIMETHYL SULFOXIDE' 'C2 H6 O S'
#
# COMPACT_ATOMS: atom_id res chain seq x y z
N SER A 1 12.15 11.82 -20.46
CA SER A 1 11.10 12.46 -19.61
C SER A 1 9.88 11.56 -19.41
N GLY A 2 8.81 12.14 -18.87
CA GLY A 2 7.59 11.44 -18.51
C GLY A 2 7.59 11.13 -17.04
N PHE A 3 6.40 11.11 -16.46
CA PHE A 3 6.25 10.75 -15.09
C PHE A 3 4.97 9.96 -15.02
N ARG A 4 5.07 8.69 -14.61
CA ARG A 4 3.87 7.84 -14.48
C ARG A 4 3.91 7.12 -13.13
N LYS A 5 2.76 6.78 -12.57
CA LYS A 5 2.69 5.79 -11.48
C LYS A 5 3.36 4.49 -11.89
N MET A 6 4.45 4.11 -11.25
CA MET A 6 5.13 2.93 -11.70
C MET A 6 5.14 1.85 -10.63
N ALA A 7 4.71 0.65 -10.98
CA ALA A 7 4.78 -0.40 -9.98
C ALA A 7 6.05 -1.15 -10.22
N PHE A 8 6.52 -1.86 -9.21
CA PHE A 8 7.65 -2.76 -9.36
C PHE A 8 7.32 -3.97 -10.19
N PRO A 9 8.31 -4.51 -10.91
CA PRO A 9 7.98 -5.67 -11.70
C PRO A 9 7.59 -6.79 -10.75
N SER A 10 6.70 -7.66 -11.19
CA SER A 10 5.96 -8.47 -10.24
C SER A 10 6.31 -9.96 -10.32
N GLY A 11 7.38 -10.29 -11.05
CA GLY A 11 7.74 -11.70 -11.33
C GLY A 11 8.04 -12.47 -10.05
N LYS A 12 9.00 -11.95 -9.29
CA LYS A 12 9.42 -12.55 -8.04
C LYS A 12 8.24 -12.84 -7.13
N VAL A 13 7.24 -11.99 -7.16
CA VAL A 13 6.04 -12.23 -6.35
C VAL A 13 5.05 -13.25 -6.95
N GLU A 14 4.77 -13.17 -8.27
CA GLU A 14 3.92 -14.14 -8.96
C GLU A 14 4.26 -15.62 -8.60
N GLY A 15 5.55 -15.92 -8.51
CA GLY A 15 6.05 -17.23 -8.06
C GLY A 15 5.68 -17.64 -6.63
N CYS A 16 5.02 -16.77 -5.88
CA CYS A 16 4.59 -17.12 -4.53
C CYS A 16 3.11 -17.08 -4.34
N MET A 17 2.33 -16.88 -5.40
CA MET A 17 0.90 -16.92 -5.20
C MET A 17 0.41 -18.35 -5.32
N VAL A 18 -0.53 -18.66 -4.43
CA VAL A 18 -1.13 -19.95 -4.36
C VAL A 18 -2.58 -19.66 -4.00
N GLN A 19 -3.42 -20.68 -4.22
CA GLN A 19 -4.84 -20.70 -3.91
C GLN A 19 -5.00 -21.42 -2.56
N VAL A 20 -5.90 -20.95 -1.71
CA VAL A 20 -6.09 -21.59 -0.42
C VAL A 20 -7.59 -21.70 -0.26
N THR A 21 -8.06 -22.91 0.06
CA THR A 21 -9.48 -23.23 0.16
C THR A 21 -9.78 -23.98 1.46
N CYS A 22 -10.88 -23.61 2.10
CA CYS A 22 -11.31 -24.24 3.36
C CYS A 22 -12.80 -24.23 3.24
N GLY A 23 -13.36 -25.42 3.15
CA GLY A 23 -14.79 -25.52 2.88
C GLY A 23 -15.15 -24.81 1.59
N THR A 24 -15.97 -23.78 1.70
CA THR A 24 -16.65 -23.15 0.57
C THR A 24 -16.02 -21.77 0.16
N THR A 25 -15.06 -21.32 0.98
CA THR A 25 -14.31 -20.07 0.76
C THR A 25 -12.99 -20.36 0.07
N THR A 26 -12.68 -19.57 -0.96
CA THR A 26 -11.37 -19.60 -1.60
C THR A 26 -10.79 -18.18 -1.67
N LEU A 27 -9.51 -18.08 -1.37
CA LEU A 27 -8.77 -16.82 -1.43
C LEU A 27 -7.29 -17.12 -1.67
N ASN A 28 -6.52 -16.12 -2.11
CA ASN A 28 -5.09 -16.26 -2.40
C ASN A 28 -4.21 -16.27 -1.15
N GLY A 29 -3.12 -17.03 -1.19
CA GLY A 29 -2.19 -17.08 -0.06
C GLY A 29 -0.78 -16.91 -0.57
N LEU A 30 0.16 -16.69 0.36
CA LEU A 30 1.50 -16.35 -0.01
C LEU A 30 2.50 -17.43 0.45
N TRP A 31 3.22 -18.01 -0.51
CA TRP A 31 4.06 -19.20 -0.30
C TRP A 31 5.53 -18.92 -0.34
N LEU A 32 6.09 -18.73 0.84
CA LEU A 32 7.54 -18.58 1.03
C LEU A 32 8.11 -19.77 1.79
N ASP A 33 9.30 -20.21 1.36
CA ASP A 33 9.93 -21.47 1.84
C ASP A 33 8.79 -22.49 1.91
N ASP A 34 8.56 -23.04 3.11
CA ASP A 34 7.62 -24.15 3.31
C ASP A 34 6.47 -23.66 4.19
N THR A 35 6.08 -22.39 4.00
CA THR A 35 5.03 -21.73 4.76
C THR A 35 4.07 -21.08 3.74
N VAL A 36 2.79 -20.93 4.09
CA VAL A 36 1.82 -20.29 3.22
C VAL A 36 0.93 -19.40 4.06
N TYR A 37 0.95 -18.10 3.83
CA TYR A 37 0.21 -17.17 4.67
C TYR A 37 -1.07 -16.77 3.98
N CYS A 38 -2.12 -16.55 4.72
CA CYS A 38 -3.33 -16.12 4.09
C CYS A 38 -4.23 -15.47 5.14
N PRO A 39 -5.31 -14.80 4.72
CA PRO A 39 -6.14 -14.25 5.79
C PRO A 39 -6.73 -15.36 6.63
N ARG A 40 -6.72 -15.18 7.95
CA ARG A 40 -7.38 -16.14 8.85
C ARG A 40 -8.87 -16.29 8.54
N HIS A 41 -9.50 -15.28 7.93
CA HIS A 41 -10.94 -15.41 7.68
C HIS A 41 -11.34 -16.38 6.56
N VAL A 42 -10.39 -17.17 6.11
CA VAL A 42 -10.69 -18.14 5.11
C VAL A 42 -11.55 -19.21 5.70
N ILE A 43 -11.45 -19.38 7.03
CA ILE A 43 -12.25 -20.36 7.74
C ILE A 43 -13.43 -19.70 8.45
N CYS A 44 -14.50 -19.52 7.72
CA CYS A 44 -15.55 -18.66 8.16
C CYS A 44 -16.67 -18.72 7.18
N THR A 45 -17.90 -18.56 7.63
CA THR A 45 -19.00 -18.38 6.71
C THR A 45 -20.23 -17.76 7.33
N ALA A 46 -21.36 -18.46 7.13
CA ALA A 46 -22.67 -17.99 7.57
C ALA A 46 -22.62 -16.68 8.31
N GLU A 47 -23.10 -16.70 9.54
CA GLU A 47 -23.03 -15.54 10.41
C GLU A 47 -21.63 -15.58 10.99
N ASP A 48 -20.97 -16.71 10.77
CA ASP A 48 -19.59 -16.89 11.20
C ASP A 48 -18.83 -15.60 10.96
N MET A 49 -19.37 -14.73 10.11
CA MET A 49 -18.71 -13.46 9.86
C MET A 49 -19.11 -12.35 10.81
N LEU A 50 -20.37 -12.26 11.18
CA LEU A 50 -20.75 -11.16 12.10
C LEU A 50 -20.06 -11.26 13.50
N ASN A 51 -20.14 -12.43 14.16
CA ASN A 51 -19.61 -12.55 15.53
C ASN A 51 -18.52 -13.60 15.77
N PRO A 52 -17.59 -13.79 14.81
CA PRO A 52 -16.71 -14.97 14.87
C PRO A 52 -15.78 -15.01 16.07
N ASN A 53 -15.08 -16.12 16.20
CA ASN A 53 -14.06 -16.33 17.19
C ASN A 53 -13.12 -17.33 16.59
N TYR A 54 -11.92 -16.87 16.24
CA TYR A 54 -11.04 -17.67 15.42
C TYR A 54 -10.31 -18.71 16.24
N GLU A 55 -10.02 -18.42 17.51
CA GLU A 55 -9.39 -19.41 18.38
C GLU A 55 -10.34 -20.62 18.43
N ASP A 56 -11.65 -20.34 18.48
CA ASP A 56 -12.63 -21.39 18.54
C ASP A 56 -12.85 -22.03 17.19
N LEU A 57 -13.07 -21.20 16.17
CA LEU A 57 -13.31 -21.71 14.83
C LEU A 57 -12.14 -22.46 14.26
N LEU A 58 -10.93 -22.20 14.76
CA LEU A 58 -9.73 -22.83 14.22
C LEU A 58 -9.42 -24.18 14.86
N ILE A 59 -9.73 -24.33 16.16
CA ILE A 59 -9.48 -25.62 16.85
C ILE A 59 -10.36 -26.76 16.29
N ARG A 60 -11.47 -26.39 15.64
CA ARG A 60 -12.35 -27.36 14.97
C ARG A 60 -11.91 -27.62 13.52
N LYS A 61 -10.62 -27.49 13.28
CA LYS A 61 -10.01 -27.71 11.96
C LYS A 61 -8.68 -28.46 12.07
N SER A 62 -8.40 -29.28 11.05
CA SER A 62 -7.11 -29.95 10.95
C SER A 62 -6.38 -29.57 9.66
N ASN A 63 -5.09 -29.87 9.62
CA ASN A 63 -4.27 -29.75 8.43
C ASN A 63 -4.94 -30.12 7.12
N HIS A 64 -5.77 -31.14 7.08
CA HIS A 64 -6.36 -31.51 5.79
C HIS A 64 -7.66 -30.81 5.57
N SER A 65 -7.99 -29.90 6.46
CA SER A 65 -9.11 -29.00 6.17
C SER A 65 -8.67 -27.92 5.14
N PHE A 66 -7.36 -27.70 4.99
CA PHE A 66 -6.82 -26.73 4.00
C PHE A 66 -6.26 -27.35 2.71
N LEU A 67 -6.91 -27.00 1.61
CA LEU A 67 -6.49 -27.46 0.29
C LEU A 67 -5.73 -26.36 -0.45
N VAL A 68 -4.45 -26.20 -0.16
CA VAL A 68 -3.58 -25.27 -0.88
C VAL A 68 -3.18 -25.82 -2.25
N GLN A 69 -3.62 -25.16 -3.33
CA GLN A 69 -3.22 -25.50 -4.72
C GLN A 69 -2.20 -24.52 -5.33
N ALA A 70 -1.19 -25.08 -6.02
CA ALA A 70 -0.11 -24.30 -6.63
C ALA A 70 0.00 -24.52 -8.14
N GLY A 71 -0.94 -23.94 -8.89
CA GLY A 71 -1.05 -24.18 -10.32
C GLY A 71 -2.03 -25.31 -10.47
N ASN A 72 -1.68 -26.34 -11.23
CA ASN A 72 -2.53 -27.52 -11.24
C ASN A 72 -2.05 -28.50 -10.17
N VAL A 73 -0.83 -28.27 -9.66
CA VAL A 73 -0.21 -29.08 -8.62
C VAL A 73 -0.94 -28.84 -7.29
N GLN A 74 -0.48 -29.47 -6.21
CA GLN A 74 -1.18 -29.44 -4.91
C GLN A 74 -0.24 -29.66 -3.72
N LEU A 75 -0.47 -28.87 -2.68
CA LEU A 75 0.34 -28.93 -1.49
C LEU A 75 -0.43 -29.45 -0.29
N ARG A 76 0.27 -30.19 0.55
CA ARG A 76 -0.37 -30.71 1.73
C ARG A 76 0.16 -29.96 2.92
N VAL A 77 -0.77 -29.56 3.77
CA VAL A 77 -0.49 -28.94 5.06
C VAL A 77 0.04 -30.03 6.01
N ILE A 78 0.92 -29.65 6.92
CA ILE A 78 1.46 -30.58 7.92
C ILE A 78 1.49 -29.92 9.30
N GLY A 79 1.31 -28.60 9.30
CA GLY A 79 1.19 -27.79 10.51
C GLY A 79 0.29 -26.60 10.21
N HIS A 80 -0.24 -25.98 11.26
CA HIS A 80 -0.89 -24.69 11.12
C HIS A 80 -0.88 -23.95 12.45
N SER A 81 -0.69 -22.65 12.37
CA SER A 81 -0.95 -21.77 13.52
C SER A 81 -1.54 -20.43 13.05
N MET A 82 -2.29 -19.81 13.92
CA MET A 82 -2.69 -18.45 13.73
C MET A 82 -1.57 -17.51 14.19
N GLN A 83 -1.30 -16.48 13.39
CA GLN A 83 -0.57 -15.29 13.86
C GLN A 83 -1.46 -14.05 13.74
N ASN A 84 -1.86 -13.48 14.86
CA ASN A 84 -2.77 -12.36 14.86
C ASN A 84 -3.75 -12.70 13.75
N CYS A 85 -3.90 -11.83 12.74
CA CYS A 85 -4.95 -12.00 11.74
C CYS A 85 -4.68 -12.90 10.50
N LEU A 86 -3.59 -13.68 10.56
CA LEU A 86 -3.20 -14.52 9.46
C LEU A 86 -3.06 -15.98 9.90
N LEU A 87 -3.22 -16.90 8.96
CA LEU A 87 -2.83 -18.28 9.24
C LEU A 87 -1.46 -18.52 8.65
N ARG A 88 -0.68 -19.31 9.38
CA ARG A 88 0.63 -19.76 8.94
C ARG A 88 0.51 -21.28 8.75
N LEU A 89 0.49 -21.75 7.50
CA LEU A 89 0.35 -23.17 7.20
C LEU A 89 1.68 -23.75 6.73
N LYS A 90 2.28 -24.63 7.52
CA LYS A 90 3.46 -25.37 7.07
C LYS A 90 3.01 -26.41 6.05
N VAL A 91 3.84 -26.65 5.05
CA VAL A 91 3.54 -27.57 3.93
C VAL A 91 4.74 -28.48 3.64
N ASP A 92 4.51 -29.51 2.84
CA ASP A 92 5.51 -30.57 2.53
C ASP A 92 6.62 -30.13 1.56
N THR A 93 6.23 -29.33 0.56
CA THR A 93 7.16 -28.79 -0.41
C THR A 93 7.68 -27.42 0.08
N SER A 94 8.90 -27.09 -0.31
CA SER A 94 9.45 -25.77 -0.09
C SER A 94 9.51 -25.09 -1.46
N ASN A 95 9.11 -23.80 -1.54
CA ASN A 95 8.99 -23.07 -2.82
C ASN A 95 10.30 -22.88 -3.59
N PRO A 96 10.46 -23.61 -4.70
CA PRO A 96 11.65 -23.53 -5.53
C PRO A 96 11.93 -22.10 -6.05
N LYS A 97 10.87 -21.29 -6.21
CA LYS A 97 10.98 -19.90 -6.68
C LYS A 97 11.00 -18.88 -5.55
N THR A 98 11.11 -19.33 -4.31
CA THR A 98 11.23 -18.41 -3.16
C THR A 98 12.37 -17.42 -3.43
N PRO A 99 12.04 -16.12 -3.52
CA PRO A 99 13.02 -15.04 -3.62
C PRO A 99 13.62 -14.68 -2.27
N LYS A 100 14.77 -14.04 -2.28
CA LYS A 100 15.20 -13.34 -1.07
C LYS A 100 14.07 -12.39 -0.70
N TYR A 101 13.79 -12.27 0.58
CA TYR A 101 12.67 -11.45 1.02
C TYR A 101 12.75 -11.09 2.48
N LYS A 102 11.93 -10.13 2.89
CA LYS A 102 11.74 -9.83 4.30
C LYS A 102 10.32 -9.25 4.52
N PHE A 103 9.91 -9.05 5.77
CA PHE A 103 8.60 -8.47 6.07
C PHE A 103 8.82 -7.13 6.79
N VAL A 104 8.26 -6.03 6.29
CA VAL A 104 8.32 -4.74 6.98
C VAL A 104 6.94 -4.13 7.20
N ARG A 105 6.81 -3.29 8.22
CA ARG A 105 5.59 -2.55 8.39
C ARG A 105 5.75 -1.10 7.85
N ILE A 106 5.24 -0.82 6.66
CA ILE A 106 5.25 0.57 6.13
C ILE A 106 4.44 1.53 6.98
N GLN A 107 4.75 2.81 6.87
CA GLN A 107 4.04 3.89 7.61
C GLN A 107 3.18 4.71 6.64
N PRO A 108 2.14 5.39 7.16
CA PRO A 108 1.29 6.22 6.33
C PRO A 108 2.11 7.13 5.42
N GLY A 109 1.73 7.26 4.16
CA GLY A 109 2.53 8.02 3.24
C GLY A 109 3.47 7.16 2.43
N GLN A 110 3.93 6.03 2.96
CA GLN A 110 4.81 5.25 2.10
C GLN A 110 3.95 4.60 1.02
N THR A 111 4.60 4.15 -0.05
CA THR A 111 3.93 3.52 -1.15
C THR A 111 4.44 2.08 -1.46
N PHE A 112 3.70 1.34 -2.30
CA PHE A 112 4.04 -0.03 -2.65
C PHE A 112 3.19 -0.52 -3.81
N SER A 113 3.58 -1.64 -4.37
CA SER A 113 2.91 -2.23 -5.50
C SER A 113 1.95 -3.27 -5.00
N VAL A 114 0.87 -3.48 -5.74
CA VAL A 114 -0.12 -4.46 -5.36
C VAL A 114 -0.22 -5.45 -6.49
N LEU A 115 -0.18 -6.73 -6.16
CA LEU A 115 -0.42 -7.72 -7.22
C LEU A 115 -1.79 -8.29 -6.96
N ALA A 116 -2.76 -7.89 -7.77
CA ALA A 116 -4.13 -8.34 -7.62
C ALA A 116 -4.33 -9.80 -8.11
N CYS A 117 -4.86 -10.67 -7.24
CA CYS A 117 -5.04 -12.08 -7.60
C CYS A 117 -6.42 -12.63 -7.37
N TYR A 118 -6.87 -13.46 -8.29
CA TYR A 118 -8.09 -14.29 -8.09
C TYR A 118 -7.75 -15.78 -8.26
N ASN A 119 -8.23 -16.63 -7.34
CA ASN A 119 -7.94 -18.09 -7.28
C ASN A 119 -6.43 -18.47 -7.39
N GLY A 120 -5.54 -17.71 -6.72
CA GLY A 120 -4.08 -17.97 -6.80
C GLY A 120 -3.44 -17.62 -8.15
N SER A 121 -4.21 -16.91 -8.98
CA SER A 121 -3.84 -16.60 -10.34
C SER A 121 -3.72 -15.07 -10.52
N PRO A 122 -2.49 -14.53 -10.58
CA PRO A 122 -2.24 -13.09 -10.69
C PRO A 122 -2.90 -12.44 -11.88
N SER A 123 -3.69 -11.41 -11.68
CA SER A 123 -4.32 -10.70 -12.79
C SER A 123 -3.78 -9.28 -13.05
N GLY A 124 -3.17 -8.60 -12.09
CA GLY A 124 -2.74 -7.22 -12.41
C GLY A 124 -1.96 -6.47 -11.36
N VAL A 125 -1.22 -5.46 -11.79
CA VAL A 125 -0.27 -4.81 -10.87
C VAL A 125 -0.45 -3.30 -10.86
N TYR A 126 -0.69 -2.72 -9.70
CA TYR A 126 -0.79 -1.28 -9.63
C TYR A 126 -0.04 -0.71 -8.42
N GLN A 127 0.22 0.60 -8.45
CA GLN A 127 0.90 1.26 -7.34
C GLN A 127 -0.11 1.93 -6.41
N CYS A 128 0.17 1.89 -5.12
CA CYS A 128 -0.75 2.47 -4.14
C CYS A 128 -0.02 2.96 -2.88
N ALA A 129 -0.56 4.00 -2.26
CA ALA A 129 -0.01 4.55 -1.05
C ALA A 129 -0.82 4.19 0.17
N MET A 130 -0.17 4.04 1.33
CA MET A 130 -0.88 3.93 2.58
C MET A 130 -1.46 5.26 2.95
N ARG A 131 -2.79 5.35 3.05
CA ARG A 131 -3.42 6.64 3.35
C ARG A 131 -3.37 6.96 4.84
N PRO A 132 -3.14 8.22 5.22
CA PRO A 132 -3.10 8.53 6.63
C PRO A 132 -4.20 7.84 7.47
N ASN A 133 -5.42 7.68 6.94
CA ASN A 133 -6.41 6.96 7.69
C ASN A 133 -6.21 5.41 7.68
N HIS A 134 -5.08 4.97 7.13
CA HIS A 134 -4.66 3.54 7.09
C HIS A 134 -5.41 2.60 6.14
N THR A 135 -5.89 3.10 5.02
CA THR A 135 -6.61 2.34 4.06
C THR A 135 -5.97 2.60 2.73
N ILE A 136 -6.31 1.83 1.71
CA ILE A 136 -5.75 2.16 0.43
C ILE A 136 -6.85 2.34 -0.56
N LYS A 137 -6.56 3.04 -1.63
CA LYS A 137 -7.55 3.25 -2.68
C LYS A 137 -7.32 2.19 -3.76
N GLY A 138 -7.53 0.94 -3.39
CA GLY A 138 -7.16 -0.16 -4.28
C GLY A 138 -8.22 -0.37 -5.32
N SER A 139 -7.98 -1.39 -6.15
CA SER A 139 -9.00 -1.95 -7.02
C SER A 139 -9.10 -3.50 -6.76
N PHE A 140 -10.07 -3.90 -5.93
CA PHE A 140 -10.30 -5.32 -5.64
C PHE A 140 -11.80 -5.71 -5.83
N LEU A 141 -12.03 -6.90 -6.39
CA LEU A 141 -13.33 -7.59 -6.23
C LEU A 141 -13.22 -8.75 -5.24
N ASN A 142 -14.37 -9.33 -4.90
CA ASN A 142 -14.47 -10.58 -4.12
C ASN A 142 -13.57 -11.59 -4.75
N GLY A 143 -12.86 -12.34 -3.91
CA GLY A 143 -11.84 -13.25 -4.37
C GLY A 143 -10.44 -12.68 -4.32
N SER A 144 -10.32 -11.37 -4.08
CA SER A 144 -9.02 -10.68 -4.08
C SER A 144 -8.24 -10.85 -2.78
N CYS A 145 -8.96 -11.21 -1.71
CA CYS A 145 -8.32 -11.45 -0.42
C CYS A 145 -7.10 -12.34 -0.55
N GLY A 146 -6.07 -12.02 0.23
CA GLY A 146 -4.76 -12.63 0.14
C GLY A 146 -3.80 -12.02 -0.88
N SER A 147 -4.31 -11.13 -1.74
CA SER A 147 -3.42 -10.38 -2.66
C SER A 147 -2.49 -9.54 -1.81
N VAL A 148 -1.21 -9.49 -2.20
CA VAL A 148 -0.20 -8.85 -1.41
C VAL A 148 0.39 -7.56 -2.03
N GLY A 149 0.96 -6.74 -1.16
CA GLY A 149 1.66 -5.53 -1.55
C GLY A 149 3.12 -5.50 -1.15
N PHE A 150 3.95 -4.90 -1.99
CA PHE A 150 5.36 -5.10 -1.79
C PHE A 150 6.23 -4.03 -2.44
N ASN A 151 7.45 -3.88 -1.92
CA ASN A 151 8.53 -3.12 -2.57
C ASN A 151 9.73 -4.01 -2.90
N ILE A 152 10.60 -3.55 -3.79
CA ILE A 152 11.83 -4.27 -4.08
C ILE A 152 13.01 -3.31 -3.94
N ASP A 153 13.97 -3.64 -3.07
CA ASP A 153 15.30 -3.04 -3.07
C ASP A 153 16.25 -4.02 -3.74
N TYR A 154 17.02 -3.57 -4.72
CA TYR A 154 18.01 -4.45 -5.37
C TYR A 154 17.20 -5.67 -5.77
N ASP A 155 17.53 -6.81 -5.15
CA ASP A 155 16.94 -8.11 -5.52
C ASP A 155 16.03 -8.72 -4.44
N CYS A 156 15.69 -7.89 -3.46
CA CYS A 156 15.05 -8.32 -2.22
C CYS A 156 13.59 -7.81 -2.10
N VAL A 157 12.64 -8.70 -1.85
CA VAL A 157 11.24 -8.29 -1.77
C VAL A 157 10.84 -7.96 -0.33
N SER A 158 10.34 -6.75 -0.10
CA SER A 158 9.80 -6.38 1.21
C SER A 158 8.30 -6.45 1.11
N PHE A 159 7.72 -7.46 1.75
CA PHE A 159 6.29 -7.57 1.83
C PHE A 159 5.80 -6.63 2.93
N CYS A 160 4.71 -5.93 2.65
CA CYS A 160 4.16 -4.99 3.61
C CYS A 160 2.69 -5.05 3.75
N TYR A 161 1.99 -5.66 2.80
CA TYR A 161 0.50 -5.69 2.91
C TYR A 161 -0.10 -7.03 2.46
N MET A 162 -1.18 -7.45 3.13
CA MET A 162 -1.99 -8.55 2.66
C MET A 162 -3.42 -8.09 2.73
N HIS A 163 -4.18 -8.29 1.65
CA HIS A 163 -5.54 -7.73 1.58
C HIS A 163 -6.55 -8.64 2.27
N HIS A 164 -7.43 -8.00 3.05
CA HIS A 164 -8.50 -8.65 3.84
C HIS A 164 -9.90 -8.13 3.53
N MET A 165 -10.12 -6.82 3.32
CA MET A 165 -11.50 -6.32 3.22
C MET A 165 -11.80 -4.97 2.56
N GLU A 166 -13.04 -4.78 2.14
CA GLU A 166 -13.45 -3.53 1.53
C GLU A 166 -14.43 -2.78 2.42
N LEU A 167 -14.06 -1.55 2.78
CA LEU A 167 -14.85 -0.72 3.68
C LEU A 167 -16.05 -0.18 2.93
N PRO A 168 -17.05 0.35 3.67
CA PRO A 168 -18.26 0.84 3.02
C PRO A 168 -18.01 1.95 2.02
N THR A 169 -16.92 2.71 2.17
CA THR A 169 -16.62 3.78 1.21
C THR A 169 -15.99 3.26 -0.06
N GLY A 170 -15.67 1.97 -0.09
CA GLY A 170 -15.07 1.40 -1.30
C GLY A 170 -13.54 1.49 -1.29
N VAL A 171 -12.98 1.50 -0.09
CA VAL A 171 -11.54 1.52 0.05
C VAL A 171 -11.16 0.27 0.85
N HIS A 172 -9.88 -0.11 0.79
CA HIS A 172 -9.49 -1.40 1.28
C HIS A 172 -8.67 -1.38 2.57
N ALA A 173 -8.73 -2.48 3.30
CA ALA A 173 -8.08 -2.63 4.61
C ALA A 173 -7.49 -4.02 4.65
N GLY A 174 -6.31 -4.14 5.30
CA GLY A 174 -5.47 -5.34 5.29
C GLY A 174 -4.44 -5.20 6.40
N THR A 175 -3.32 -5.91 6.31
CA THR A 175 -2.44 -6.11 7.45
C THR A 175 -1.08 -6.34 6.88
N ASP A 176 -0.06 -6.19 7.71
CA ASP A 176 1.29 -6.61 7.29
C ASP A 176 1.38 -8.14 7.34
N LEU A 177 2.56 -8.67 7.07
CA LEU A 177 2.69 -10.12 6.92
C LEU A 177 2.98 -10.72 8.27
N GLU A 178 2.59 -9.98 9.29
CA GLU A 178 2.68 -10.44 10.67
C GLU A 178 1.28 -10.65 11.20
N GLY A 179 0.28 -10.28 10.40
CA GLY A 179 -1.12 -10.38 10.82
C GLY A 179 -1.70 -9.13 11.46
N LYS A 180 -0.87 -8.14 11.75
CA LYS A 180 -1.37 -6.92 12.39
C LYS A 180 -2.04 -5.95 11.40
N PHE A 181 -3.29 -5.64 11.65
CA PHE A 181 -3.93 -4.65 10.82
C PHE A 181 -3.21 -3.30 10.78
N TYR A 182 -3.31 -2.65 9.63
CA TYR A 182 -3.07 -1.24 9.54
C TYR A 182 -4.43 -0.67 9.91
N GLY A 183 -4.44 0.32 10.81
CA GLY A 183 -5.67 1.04 11.15
C GLY A 183 -6.33 0.37 12.33
N PRO A 184 -7.48 0.88 12.77
CA PRO A 184 -8.23 0.33 13.91
C PRO A 184 -9.09 -0.90 13.55
N PHE A 185 -8.96 -1.33 12.30
CA PHE A 185 -9.93 -2.20 11.70
C PHE A 185 -9.81 -3.64 12.26
N VAL A 186 -10.88 -4.40 12.06
CA VAL A 186 -10.96 -5.80 12.49
C VAL A 186 -11.61 -6.64 11.40
N ASP A 187 -11.27 -7.93 11.35
CA ASP A 187 -11.91 -8.86 10.39
C ASP A 187 -13.19 -9.48 10.92
N ARG A 188 -14.08 -8.63 11.40
CA ARG A 188 -15.42 -8.95 11.84
C ARG A 188 -16.32 -8.28 10.79
N GLN A 189 -17.63 -8.23 11.00
CA GLN A 189 -18.51 -7.55 10.04
C GLN A 189 -19.45 -6.66 10.81
N THR A 190 -18.98 -5.44 11.06
CA THR A 190 -19.67 -4.50 11.90
C THR A 190 -19.75 -3.20 11.13
N ALA A 191 -20.37 -2.21 11.77
CA ALA A 191 -20.39 -0.83 11.30
C ALA A 191 -19.02 -0.15 11.54
N GLN A 192 -18.09 -0.43 10.63
CA GLN A 192 -16.78 0.19 10.57
C GLN A 192 -16.72 1.22 9.46
N ALA A 193 -16.00 2.30 9.69
CA ALA A 193 -15.80 3.30 8.65
C ALA A 193 -14.32 3.68 8.61
N ALA A 194 -13.93 4.24 7.46
CA ALA A 194 -12.65 4.93 7.31
C ALA A 194 -12.78 6.28 8.03
N GLY A 195 -11.85 6.55 8.94
CA GLY A 195 -11.72 7.89 9.48
C GLY A 195 -11.43 8.85 8.34
N THR A 196 -11.74 10.13 8.56
CA THR A 196 -11.50 11.16 7.55
C THR A 196 -10.02 11.15 7.19
N ASP A 197 -9.74 11.29 5.90
CA ASP A 197 -8.40 11.22 5.39
C ASP A 197 -7.78 12.64 5.26
N THR A 198 -6.55 12.68 4.79
CA THR A 198 -5.78 13.90 4.81
C THR A 198 -4.92 13.75 3.57
N THR A 199 -4.56 14.88 2.96
CA THR A 199 -3.64 14.85 1.83
C THR A 199 -2.27 14.70 2.42
N ILE A 200 -1.39 13.96 1.73
CA ILE A 200 -0.04 13.70 2.20
C ILE A 200 0.85 14.81 1.70
N THR A 201 0.98 15.85 2.52
CA THR A 201 1.93 16.96 2.26
C THR A 201 3.33 16.55 1.79
N LEU A 202 4.02 15.66 2.46
CA LEU A 202 5.39 15.36 2.00
C LEU A 202 5.35 15.03 0.53
N ASN A 203 4.39 14.19 0.13
CA ASN A 203 4.37 13.71 -1.26
C ASN A 203 4.09 14.78 -2.31
N VAL A 204 3.06 15.59 -2.09
CA VAL A 204 2.79 16.69 -3.03
C VAL A 204 4.07 17.50 -3.34
N LEU A 205 4.82 17.88 -2.30
CA LEU A 205 6.11 18.56 -2.46
C LEU A 205 7.17 17.76 -3.21
N ALA A 206 7.31 16.48 -2.90
CA ALA A 206 8.11 15.58 -3.77
C ALA A 206 7.61 15.71 -5.21
N TRP A 207 6.31 15.69 -5.43
CA TRP A 207 5.78 15.77 -6.78
C TRP A 207 6.20 17.06 -7.53
N LEU A 208 5.94 18.20 -6.88
CA LEU A 208 6.37 19.49 -7.39
C LEU A 208 7.85 19.47 -7.69
N TYR A 209 8.68 18.92 -6.82
CA TYR A 209 10.10 18.77 -7.22
C TYR A 209 10.30 18.02 -8.53
N ALA A 210 9.50 16.97 -8.77
CA ALA A 210 9.61 16.23 -10.03
C ALA A 210 9.15 17.13 -11.18
N ALA A 211 8.02 17.83 -11.03
CA ALA A 211 7.56 18.76 -12.08
C ALA A 211 8.70 19.69 -12.51
N VAL A 212 9.33 20.31 -11.51
CA VAL A 212 10.57 21.00 -11.78
C VAL A 212 11.65 20.12 -12.45
N ILE A 213 12.05 18.99 -11.85
CA ILE A 213 13.10 18.17 -12.50
C ILE A 213 12.79 17.91 -13.99
N ASN A 214 11.54 17.56 -14.30
CA ASN A 214 11.09 17.38 -15.72
C ASN A 214 11.31 18.65 -16.53
N GLY A 215 10.96 19.80 -15.96
CA GLY A 215 11.42 21.06 -16.52
C GLY A 215 10.40 22.17 -16.57
N ASP A 216 9.28 21.96 -15.87
CA ASP A 216 8.25 23.00 -15.70
C ASP A 216 8.33 23.79 -14.35
N ARG A 217 8.01 25.10 -14.40
CA ARG A 217 8.30 26.09 -13.32
C ARG A 217 7.16 27.06 -12.91
N TRP A 218 6.07 27.03 -13.65
CA TRP A 218 5.09 28.03 -13.56
C TRP A 218 4.48 28.28 -12.21
N PHE A 219 4.67 27.40 -11.25
CA PHE A 219 3.95 27.53 -9.99
C PHE A 219 4.82 28.18 -8.92
N LEU A 220 6.05 28.48 -9.28
CA LEU A 220 6.96 29.13 -8.36
C LEU A 220 6.63 30.59 -8.11
N ASN A 221 7.19 31.12 -7.04
CA ASN A 221 6.97 32.49 -6.69
C ASN A 221 8.12 32.99 -5.87
N ARG A 222 8.15 34.28 -5.60
CA ARG A 222 9.34 34.94 -5.05
C ARG A 222 9.38 34.88 -3.54
N PHE A 223 8.28 34.37 -2.99
CA PHE A 223 8.03 34.38 -1.57
C PHE A 223 8.68 33.23 -0.83
N THR A 224 8.51 33.26 0.48
CA THR A 224 9.00 32.19 1.34
C THR A 224 8.01 32.12 2.50
N THR A 225 8.15 31.09 3.36
CA THR A 225 7.31 30.96 4.57
C THR A 225 8.10 30.36 5.69
N THR A 226 7.55 30.52 6.88
CA THR A 226 7.98 29.78 8.03
C THR A 226 7.10 28.56 8.04
N LEU A 227 7.70 27.45 8.46
CA LEU A 227 6.95 26.23 8.72
C LEU A 227 5.57 26.55 9.25
N ASN A 228 5.56 27.33 10.33
CA ASN A 228 4.37 27.59 11.09
C ASN A 228 3.26 28.25 10.32
N ASP A 229 3.62 29.04 9.31
CA ASP A 229 2.63 29.86 8.60
C ASP A 229 2.01 28.96 7.56
N PHE A 230 2.84 28.07 7.01
CA PHE A 230 2.36 27.02 6.14
C PHE A 230 1.36 26.09 6.86
N ASN A 231 1.79 25.47 7.95
CA ASN A 231 0.88 24.63 8.68
C ASN A 231 -0.46 25.27 9.01
N LEU A 232 -0.48 26.59 9.20
CA LEU A 232 -1.75 27.25 9.52
C LEU A 232 -2.64 27.29 8.30
N VAL A 233 -2.00 27.44 7.14
CA VAL A 233 -2.69 27.43 5.85
C VAL A 233 -3.09 25.97 5.53
N ALA A 234 -2.09 25.08 5.37
CA ALA A 234 -2.27 23.63 5.25
C ALA A 234 -3.42 23.02 6.07
N MET A 235 -3.50 23.29 7.37
CA MET A 235 -4.52 22.70 8.22
C MET A 235 -5.89 22.90 7.64
N LYS A 236 -6.14 24.10 7.11
CA LYS A 236 -7.46 24.44 6.63
C LYS A 236 -7.73 23.60 5.39
N TYR A 237 -6.81 23.63 4.44
CA TYR A 237 -6.93 22.88 3.19
C TYR A 237 -6.83 21.35 3.37
N ASN A 238 -6.83 20.90 4.63
CA ASN A 238 -6.84 19.48 5.01
C ASN A 238 -5.53 18.70 4.72
N TYR A 239 -4.40 19.39 4.79
CA TYR A 239 -3.11 18.74 4.62
C TYR A 239 -2.57 18.29 5.95
N GLU A 240 -1.65 17.34 5.93
CA GLU A 240 -0.95 16.86 7.11
C GLU A 240 0.00 17.98 7.46
N PRO A 241 0.20 18.29 8.75
CA PRO A 241 1.23 19.31 8.98
C PRO A 241 2.61 18.80 8.59
N LEU A 242 3.43 19.70 8.04
CA LEU A 242 4.83 19.47 7.74
C LEU A 242 5.73 19.81 8.95
N THR A 243 6.82 19.04 9.05
CA THR A 243 7.65 18.94 10.21
C THR A 243 9.04 19.10 9.68
N GLN A 244 10.03 19.23 10.57
CA GLN A 244 11.43 19.29 10.14
C GLN A 244 11.90 18.00 9.47
N ASP A 245 11.54 16.84 10.00
CA ASP A 245 12.04 15.60 9.40
C ASP A 245 11.61 15.54 7.93
N HIS A 246 10.34 15.86 7.68
CA HIS A 246 9.86 15.99 6.31
C HIS A 246 10.73 16.99 5.53
N VAL A 247 10.84 18.24 6.01
CA VAL A 247 11.71 19.26 5.37
C VAL A 247 13.11 18.71 5.09
N ASP A 248 13.70 17.99 6.04
CA ASP A 248 15.03 17.40 5.82
C ASP A 248 14.97 16.43 4.65
N ILE A 249 13.92 15.60 4.64
CA ILE A 249 13.77 14.59 3.57
C ILE A 249 13.74 15.20 2.14
N LEU A 250 13.24 16.41 2.02
CA LEU A 250 13.24 17.04 0.72
C LEU A 250 14.61 17.66 0.43
N GLY A 251 15.62 17.19 1.17
CA GLY A 251 17.01 17.70 1.12
C GLY A 251 17.63 17.63 -0.27
N PRO A 252 18.10 16.45 -0.65
CA PRO A 252 18.73 16.25 -1.96
C PRO A 252 17.94 16.88 -3.10
N LEU A 253 16.63 16.69 -3.14
CA LEU A 253 15.83 17.21 -4.24
C LEU A 253 15.88 18.72 -4.30
N SER A 254 16.05 19.37 -3.14
CA SER A 254 16.34 20.81 -3.06
C SER A 254 17.67 21.08 -3.78
N ALA A 255 18.72 20.42 -3.30
CA ALA A 255 20.04 20.35 -3.91
C ALA A 255 20.06 20.14 -5.43
N GLN A 256 19.43 19.07 -5.94
CA GLN A 256 19.45 18.78 -7.38
C GLN A 256 18.76 19.84 -8.25
N THR A 257 17.73 20.49 -7.69
CA THR A 257 16.96 21.52 -8.40
C THR A 257 17.29 22.95 -7.95
N GLY A 258 18.19 23.07 -6.97
CA GLY A 258 18.49 24.35 -6.36
C GLY A 258 17.30 25.12 -5.78
N ILE A 259 16.18 24.46 -5.48
CA ILE A 259 15.07 25.15 -4.77
C ILE A 259 14.90 24.76 -3.29
N ALA A 260 15.01 25.75 -2.40
CA ALA A 260 14.81 25.55 -0.97
C ALA A 260 13.36 25.20 -0.73
N VAL A 261 13.17 24.33 0.28
CA VAL A 261 11.89 23.72 0.61
C VAL A 261 10.81 24.72 0.98
N LEU A 262 11.12 25.57 1.94
CA LEU A 262 10.18 26.54 2.50
C LEU A 262 9.77 27.46 1.40
N ASP A 263 10.67 27.59 0.43
CA ASP A 263 10.32 28.25 -0.81
C ASP A 263 9.25 27.48 -1.59
N MET A 264 9.43 26.16 -1.75
CA MET A 264 8.35 25.36 -2.32
C MET A 264 7.07 25.33 -1.46
N CYS A 265 7.21 25.29 -0.13
CA CYS A 265 5.98 25.39 0.64
C CYS A 265 5.19 26.65 0.26
N ALA A 266 5.90 27.74 -0.06
CA ALA A 266 5.28 29.01 -0.49
C ALA A 266 4.55 28.83 -1.80
N ALA A 267 5.28 28.29 -2.79
CA ALA A 267 4.64 27.80 -4.02
C ALA A 267 3.38 27.03 -3.70
N LEU A 268 3.46 26.07 -2.75
CA LEU A 268 2.31 25.22 -2.43
C LEU A 268 1.19 26.03 -1.82
N LYS A 269 1.51 26.77 -0.76
CA LYS A 269 0.58 27.71 -0.14
C LYS A 269 -0.19 28.49 -1.19
N GLU A 270 0.56 29.04 -2.16
CA GLU A 270 -0.04 29.81 -3.27
C GLU A 270 -1.03 28.94 -4.07
N LEU A 271 -0.58 27.74 -4.52
CA LEU A 271 -1.47 26.79 -5.26
C LEU A 271 -2.71 26.44 -4.47
N LEU A 272 -2.56 26.27 -3.17
CA LEU A 272 -3.74 26.05 -2.33
C LEU A 272 -4.72 27.22 -2.40
N GLN A 273 -4.16 28.43 -2.39
CA GLN A 273 -4.95 29.66 -2.27
C GLN A 273 -5.49 30.17 -3.61
N ASN A 274 -4.63 30.16 -4.63
CA ASN A 274 -5.01 30.56 -6.00
C ASN A 274 -5.68 29.50 -6.89
N GLY A 275 -5.63 28.23 -6.51
CA GLY A 275 -6.05 27.18 -7.42
C GLY A 275 -5.02 27.03 -8.53
N MET A 276 -5.25 26.05 -9.41
CA MET A 276 -4.33 25.69 -10.49
C MET A 276 -4.19 26.74 -11.60
N ASN A 277 -5.17 27.65 -11.68
CA ASN A 277 -5.22 28.66 -12.75
C ASN A 277 -5.33 27.99 -14.12
N GLY A 278 -6.20 26.97 -14.19
CA GLY A 278 -6.56 26.34 -15.45
C GLY A 278 -5.47 25.63 -16.23
N ARG A 279 -4.33 25.35 -15.60
CA ARG A 279 -3.33 24.51 -16.25
C ARG A 279 -2.91 23.24 -15.47
N THR A 280 -1.92 22.54 -16.00
CA THR A 280 -1.58 21.24 -15.48
C THR A 280 -0.22 21.29 -14.84
N ILE A 281 -0.02 20.42 -13.86
CA ILE A 281 1.33 20.15 -13.38
C ILE A 281 1.64 18.71 -13.75
N LEU A 282 2.72 18.51 -14.48
CA LEU A 282 3.17 17.18 -14.87
C LEU A 282 1.95 16.36 -15.42
N GLY A 283 1.09 17.04 -16.20
CA GLY A 283 -0.11 16.44 -16.79
C GLY A 283 -1.40 16.46 -15.99
N SER A 284 -1.31 16.75 -14.70
CA SER A 284 -2.48 16.63 -13.81
C SER A 284 -3.06 18.01 -13.42
N THR A 285 -4.33 18.04 -13.04
CA THR A 285 -5.00 19.29 -12.74
C THR A 285 -5.33 19.34 -11.26
N ILE A 286 -4.98 18.26 -10.54
CA ILE A 286 -5.02 18.25 -9.07
C ILE A 286 -3.61 18.11 -8.51
N LEU A 287 -3.50 18.11 -7.18
CA LEU A 287 -2.19 17.89 -6.59
C LEU A 287 -2.03 16.43 -6.12
N GLU A 288 -0.97 15.81 -6.62
CA GLU A 288 -0.74 14.37 -6.52
C GLU A 288 0.07 13.98 -5.28
N ASP A 289 -0.61 13.46 -4.28
CA ASP A 289 0.07 13.07 -3.07
C ASP A 289 0.46 11.59 -2.99
N GLU A 290 0.40 10.83 -4.09
CA GLU A 290 0.89 9.41 -3.99
C GLU A 290 2.27 9.08 -4.58
N PHE A 291 3.16 10.06 -4.71
CA PHE A 291 4.58 9.82 -4.96
C PHE A 291 5.47 10.27 -3.76
N THR A 292 6.23 9.34 -3.18
CA THR A 292 7.15 9.70 -2.12
C THR A 292 8.36 10.44 -2.73
N PRO A 293 9.20 11.07 -1.87
CA PRO A 293 10.50 11.55 -2.29
C PRO A 293 11.40 10.44 -2.87
N PHE A 294 11.38 9.26 -2.28
CA PHE A 294 12.15 8.13 -2.82
C PHE A 294 11.61 7.72 -4.19
N ASP A 295 10.30 7.84 -4.42
CA ASP A 295 9.77 7.45 -5.71
C ASP A 295 10.22 8.44 -6.76
N VAL A 296 10.27 9.73 -6.42
CA VAL A 296 10.78 10.71 -7.38
C VAL A 296 12.28 10.51 -7.72
N VAL A 297 13.09 10.21 -6.70
CA VAL A 297 14.53 9.95 -6.93
C VAL A 297 14.72 8.79 -7.92
N ARG A 298 14.27 7.61 -7.53
CA ARG A 298 14.25 6.41 -8.38
C ARG A 298 13.82 6.61 -9.85
N GLN A 299 12.63 7.17 -10.08
CA GLN A 299 12.07 7.29 -11.44
C GLN A 299 12.60 8.50 -12.24
N CYS A 300 12.71 9.64 -11.58
CA CYS A 300 13.23 10.83 -12.24
C CYS A 300 14.74 10.82 -12.56
N SER A 301 15.10 11.80 -13.38
CA SER A 301 16.44 11.96 -13.91
C SER A 301 17.39 12.30 -12.76
N GLY A 302 18.62 11.82 -12.88
CA GLY A 302 19.72 12.19 -11.97
C GLY A 302 20.20 13.62 -12.16
N VAL A 303 20.08 14.15 -13.39
CA VAL A 303 20.36 15.58 -13.73
C VAL A 303 19.03 16.37 -14.03
N THR A 304 19.00 17.67 -13.70
CA THR A 304 17.79 18.50 -13.92
C THR A 304 17.76 19.08 -15.34
N PHE A 305 16.56 19.17 -15.93
CA PHE A 305 16.34 20.00 -17.15
C PHE A 305 16.15 21.46 -16.72
N GLN A 306 17.26 22.19 -16.71
CA GLN A 306 17.36 23.52 -16.11
C GLN A 306 16.79 24.66 -16.97
C ACE B 1 -22.76 -1.13 8.22
O ACE B 1 -22.02 -0.15 8.43
CH3 ACE B 1 -24.21 -1.14 8.62
N ASN B 2 -22.42 -2.06 7.38
CA ASN B 2 -21.37 -3.06 7.65
C ASN B 2 -20.23 -2.99 6.58
N SER B 3 -19.46 -4.09 6.44
CA SER B 3 -18.34 -4.16 5.45
C SER B 3 -18.17 -5.53 4.76
N THR B 4 -17.68 -5.50 3.52
CA THR B 4 -17.34 -6.73 2.76
C THR B 4 -15.93 -7.26 3.10
N SER B 5 -15.87 -8.36 3.86
CA SER B 5 -14.67 -9.19 3.99
C SER B 5 -14.29 -9.77 2.62
C ECC B 6 -12.26 -11.05 0.69
N ECC B 6 -13.65 -9.25 1.65
O ECC B 6 -12.00 -11.85 -0.46
CA ECC B 6 -13.24 -9.91 0.39
CB ECC B 6 -12.64 -8.91 -0.61
CD ECC B 6 -13.06 -6.75 -1.71
CG ECC B 6 -13.72 -7.93 -1.05
OE1 ECC B 6 -12.05 -6.25 -1.22
NE2 ECC B 6 -13.64 -6.34 -2.84
S DMS C . -5.86 -8.96 17.20
O DMS C . -4.23 -9.32 16.52
C1 DMS C . -6.74 -10.53 17.47
C2 DMS C . -5.69 -8.36 18.91
#